data_2PG3
#
_entry.id   2PG3
#
_cell.length_a   78.154
_cell.length_b   78.154
_cell.length_c   77.755
_cell.angle_alpha   90.000
_cell.angle_beta   90.000
_cell.angle_gamma   90.000
#
_symmetry.space_group_name_H-M   'P 41 21 2'
#
loop_
_entity.id
_entity.type
_entity.pdbx_description
1 polymer 'Queuosine biosynthesis protein queC'
2 non-polymer 'ZINC ION'
3 water water
#
_entity_poly.entity_id   1
_entity_poly.type   'polypeptide(L)'
_entity_poly.pdbx_seq_one_letter_code
;G(MSE)KRAVVVFSGGQDSTTCLIQALQDYDDVHCITFDYGQRHRAEIEVAQELSQKLGAAAHKVLDVGLLNELATSSLT
RDSIPVPDYDANAQGIPNTFVPGRNILFLTLASIYAYQVGAEAVITGVCETDFSGYPDCRDEFVKALNQAIVLGIARDIR
FETPL(MSE)WLNKAETWALADYYQQLDTVRYHTLTCYNGIKGDGCGQCAACHLRANGLAQYQKDAATV(MSE)ASLKQK
VGLR
;
_entity_poly.pdbx_strand_id   A
#
loop_
_chem_comp.id
_chem_comp.type
_chem_comp.name
_chem_comp.formula
ZN non-polymer 'ZINC ION' 'Zn 2'
#
# COMPACT_ATOMS: atom_id res chain seq x y z
N MSE A 2 -2.94 23.48 6.25
CA MSE A 2 -2.16 22.30 5.71
C MSE A 2 -3.01 21.03 5.66
O MSE A 2 -3.11 20.30 6.64
CB MSE A 2 -0.90 22.05 6.57
CG MSE A 2 0.28 23.01 6.25
SE MSE A 2 1.19 22.71 4.47
CE MSE A 2 2.57 21.36 4.97
N LYS A 3 -3.61 20.76 4.49
CA LYS A 3 -4.31 19.50 4.23
C LYS A 3 -3.23 18.45 3.94
N ARG A 4 -2.99 17.56 4.90
CA ARG A 4 -1.85 16.66 4.82
C ARG A 4 -2.22 15.18 5.07
N ALA A 5 -1.65 14.31 4.25
CA ALA A 5 -1.88 12.85 4.33
C ALA A 5 -0.60 12.05 4.49
N VAL A 6 -0.78 10.84 4.99
CA VAL A 6 0.25 9.81 5.10
C VAL A 6 -0.11 8.62 4.22
N VAL A 7 0.84 8.23 3.37
CA VAL A 7 0.66 7.10 2.47
C VAL A 7 1.49 5.96 3.01
N VAL A 8 0.83 4.86 3.31
CA VAL A 8 1.55 3.65 3.55
C VAL A 8 2.11 3.16 2.21
N PHE A 9 3.42 3.11 2.14
CA PHE A 9 4.16 3.09 0.88
C PHE A 9 5.24 2.04 0.88
N SER A 10 5.27 1.24 -0.18
CA SER A 10 6.33 0.27 -0.45
C SER A 10 6.99 0.44 -1.83
N GLY A 11 6.58 1.37 -2.67
CA GLY A 11 7.28 1.54 -3.94
C GLY A 11 6.80 0.62 -5.07
N GLY A 12 5.73 -0.12 -4.84
CA GLY A 12 5.13 -0.92 -5.89
C GLY A 12 4.03 -0.15 -6.62
N GLN A 13 3.28 -0.85 -7.45
CA GLN A 13 2.28 -0.21 -8.33
C GLN A 13 1.21 0.39 -7.49
N ASP A 14 0.68 -0.37 -6.55
CA ASP A 14 -0.49 0.08 -5.80
C ASP A 14 -0.25 1.33 -4.95
N SER A 15 0.83 1.27 -4.18
CA SER A 15 1.15 2.31 -3.21
C SER A 15 1.65 3.55 -3.92
N THR A 16 2.34 3.40 -5.04
CA THR A 16 2.73 4.54 -5.88
C THR A 16 1.52 5.19 -6.60
N THR A 17 0.53 4.39 -7.00
CA THR A 17 -0.77 4.92 -7.50
C THR A 17 -1.57 5.73 -6.43
N CYS A 18 -1.61 5.24 -5.19
CA CYS A 18 -2.18 6.00 -4.09
C CYS A 18 -1.39 7.28 -3.85
N LEU A 19 -0.05 7.20 -3.83
CA LEU A 19 0.79 8.42 -3.67
C LEU A 19 0.50 9.46 -4.76
N ILE A 20 0.41 9.01 -6.00
CA ILE A 20 0.17 9.92 -7.10
C ILE A 20 -1.16 10.62 -6.95
N GLN A 21 -2.22 9.85 -6.69
CA GLN A 21 -3.52 10.46 -6.42
C GLN A 21 -3.49 11.41 -5.22
N ALA A 22 -2.83 11.00 -4.14
CA ALA A 22 -2.77 11.78 -2.90
C ALA A 22 -2.10 13.13 -3.12
N LEU A 23 -1.09 13.16 -3.97
CA LEU A 23 -0.35 14.37 -4.30
C LEU A 23 -1.20 15.40 -5.04
N GLN A 24 -2.24 14.96 -5.75
CA GLN A 24 -3.28 15.88 -6.30
C GLN A 24 -4.29 16.41 -5.26
N ASP A 25 -4.64 15.58 -4.28
CA ASP A 25 -5.73 15.87 -3.35
C ASP A 25 -5.29 16.54 -2.06
N TYR A 26 -4.01 16.41 -1.73
CA TYR A 26 -3.48 16.98 -0.47
C TYR A 26 -2.38 17.99 -0.80
N ASP A 27 -2.10 18.86 0.13
CA ASP A 27 -1.09 19.87 -0.06
C ASP A 27 0.25 19.24 0.28
N ASP A 28 0.22 18.23 1.11
CA ASP A 28 1.43 17.71 1.68
C ASP A 28 1.24 16.24 1.87
N VAL A 29 2.17 15.45 1.36
CA VAL A 29 2.10 14.01 1.58
C VAL A 29 3.37 13.46 2.16
N HIS A 30 3.24 12.69 3.23
CA HIS A 30 4.31 11.92 3.79
C HIS A 30 4.13 10.49 3.34
N CYS A 31 5.22 9.75 3.22
CA CYS A 31 5.15 8.32 2.99
C CYS A 31 5.71 7.63 4.23
N ILE A 32 5.16 6.46 4.55
CA ILE A 32 5.75 5.66 5.59
C ILE A 32 5.88 4.24 5.03
N THR A 33 7.08 3.67 5.19
CA THR A 33 7.35 2.33 4.78
C THR A 33 7.65 1.44 6.00
N PHE A 34 6.97 0.31 6.06
CA PHE A 34 7.18 -0.66 7.15
C PHE A 34 8.06 -1.77 6.67
N ASP A 35 9.29 -1.76 7.19
CA ASP A 35 10.35 -2.63 6.82
C ASP A 35 10.48 -3.81 7.81
N TYR A 36 10.11 -5.00 7.37
CA TYR A 36 10.32 -6.19 8.14
C TYR A 36 11.15 -7.24 7.43
N GLY A 37 11.92 -6.89 6.41
CA GLY A 37 12.76 -7.90 5.70
C GLY A 37 12.51 -7.90 4.20
N GLN A 38 11.26 -7.65 3.86
CA GLN A 38 10.92 -6.70 2.82
C GLN A 38 11.68 -6.84 1.52
N ARG A 39 12.72 -6.01 1.42
CA ARG A 39 13.30 -5.61 0.19
C ARG A 39 14.83 -5.64 0.45
N HIS A 40 15.49 -4.49 0.45
CA HIS A 40 16.74 -4.34 1.18
C HIS A 40 17.07 -2.89 1.16
N ARG A 41 18.01 -2.48 2.01
CA ARG A 41 18.36 -1.07 2.18
C ARG A 41 18.21 -0.35 0.83
N ALA A 42 18.92 -0.84 -0.19
CA ALA A 42 18.92 -0.19 -1.51
C ALA A 42 17.56 -0.10 -2.22
N GLU A 43 16.77 -1.19 -2.28
CA GLU A 43 15.38 -1.13 -2.84
C GLU A 43 14.52 -0.10 -2.07
N ILE A 44 14.54 -0.19 -0.75
CA ILE A 44 13.85 0.78 0.08
C ILE A 44 14.36 2.19 -0.27
N GLU A 45 15.68 2.31 -0.42
CA GLU A 45 16.29 3.57 -0.85
C GLU A 45 15.82 3.99 -2.26
N VAL A 46 15.53 3.02 -3.13
CA VAL A 46 15.04 3.42 -4.45
C VAL A 46 13.63 4.00 -4.31
N ALA A 47 12.76 3.28 -3.61
CA ALA A 47 11.42 3.73 -3.24
C ALA A 47 11.40 5.12 -2.54
N GLN A 48 12.42 5.40 -1.75
CA GLN A 48 12.60 6.73 -1.23
C GLN A 48 12.95 7.78 -2.32
N GLU A 49 13.82 7.44 -3.27
CA GLU A 49 14.09 8.38 -4.40
C GLU A 49 12.80 8.59 -5.20
N LEU A 50 12.03 7.53 -5.38
CA LEU A 50 10.76 7.61 -6.09
C LEU A 50 9.80 8.59 -5.43
N SER A 51 9.63 8.49 -4.13
CA SER A 51 8.75 9.35 -3.38
C SER A 51 9.27 10.81 -3.38
N GLN A 52 10.54 10.97 -3.06
CA GLN A 52 11.21 12.24 -3.17
C GLN A 52 10.96 12.84 -4.57
N LYS A 53 11.20 12.06 -5.63
CA LYS A 53 11.11 12.60 -7.00
C LYS A 53 9.67 12.87 -7.40
N LEU A 54 8.73 12.11 -6.84
CA LEU A 54 7.31 12.38 -7.09
C LEU A 54 6.74 13.61 -6.36
N GLY A 55 7.42 14.09 -5.33
CA GLY A 55 6.92 15.18 -4.50
C GLY A 55 6.56 14.89 -3.03
N ALA A 56 6.81 13.69 -2.48
CA ALA A 56 6.52 13.51 -1.05
C ALA A 56 7.33 14.52 -0.22
N ALA A 57 6.73 15.05 0.83
CA ALA A 57 7.44 15.98 1.72
C ALA A 57 8.42 15.24 2.63
N ALA A 58 8.14 13.96 2.87
CA ALA A 58 9.01 13.14 3.70
C ALA A 58 8.66 11.68 3.49
N HIS A 59 9.59 10.83 3.88
CA HIS A 59 9.47 9.42 3.77
C HIS A 59 10.09 8.76 4.97
N LYS A 60 9.27 8.32 5.91
CA LYS A 60 9.76 7.60 7.06
C LYS A 60 9.78 6.08 6.80
N VAL A 61 10.89 5.46 7.15
CA VAL A 61 11.10 4.04 7.09
C VAL A 61 11.17 3.54 8.51
N LEU A 62 10.27 2.66 8.86
CA LEU A 62 10.16 2.19 10.24
C LEU A 62 10.38 0.66 10.25
N ASP A 63 11.37 0.22 11.02
CA ASP A 63 11.66 -1.21 11.22
C ASP A 63 10.59 -1.93 12.07
N VAL A 64 9.82 -2.80 11.45
CA VAL A 64 8.80 -3.56 12.16
C VAL A 64 9.19 -5.05 12.17
N GLY A 65 10.44 -5.31 12.40
CA GLY A 65 10.89 -6.67 12.41
C GLY A 65 10.38 -7.47 13.59
N LEU A 66 9.70 -6.82 14.53
CA LEU A 66 9.09 -7.53 15.65
C LEU A 66 7.95 -8.40 15.17
N LEU A 67 7.33 -8.05 14.05
CA LEU A 67 6.40 -8.97 13.41
C LEU A 67 6.93 -10.38 13.20
N ASN A 68 8.15 -10.47 12.67
CA ASN A 68 8.84 -11.72 12.43
C ASN A 68 9.10 -12.49 13.70
N GLU A 69 9.23 -11.78 14.82
CA GLU A 69 9.37 -12.44 16.13
C GLU A 69 8.10 -13.14 16.52
N LEU A 70 6.97 -12.74 15.91
CA LEU A 70 5.66 -13.33 16.21
C LEU A 70 5.25 -14.53 15.36
N ALA A 71 6.05 -14.89 14.36
CA ALA A 71 5.87 -16.15 13.62
C ALA A 71 6.09 -17.36 14.51
N THR A 72 5.33 -18.42 14.27
CA THR A 72 5.39 -19.64 15.05
C THR A 72 6.81 -20.27 15.13
N SER A 73 7.51 -20.26 14.00
CA SER A 73 8.91 -20.72 14.01
C SER A 73 9.77 -19.89 14.97
N SER A 74 9.57 -18.57 15.01
CA SER A 74 10.36 -17.74 15.94
C SER A 74 10.00 -18.03 17.39
N LEU A 75 8.69 -18.08 17.65
CA LEU A 75 8.22 -18.33 19.01
C LEU A 75 8.70 -19.62 19.51
N THR A 76 8.64 -20.68 18.70
CA THR A 76 9.13 -22.01 19.17
C THR A 76 10.65 -22.00 19.42
N ARG A 77 11.34 -21.27 18.57
CA ARG A 77 12.77 -20.98 18.70
C ARG A 77 13.09 -20.19 19.97
N ASP A 78 12.25 -19.23 20.36
CA ASP A 78 12.44 -18.51 21.62
C ASP A 78 11.85 -19.26 22.83
N SER A 79 11.68 -20.59 22.69
CA SER A 79 11.19 -21.49 23.76
C SER A 79 9.75 -21.18 24.26
N ILE A 80 8.91 -20.58 23.38
CA ILE A 80 7.48 -20.36 23.64
C ILE A 80 6.65 -21.55 23.13
N PRO A 81 5.81 -22.16 24.00
CA PRO A 81 4.87 -23.16 23.50
C PRO A 81 3.74 -22.64 22.61
N VAL A 82 3.63 -23.32 21.46
CA VAL A 82 2.63 -23.09 20.44
C VAL A 82 1.80 -24.36 20.36
N PRO A 83 0.53 -24.27 19.94
CA PRO A 83 -0.18 -25.56 19.84
C PRO A 83 0.27 -26.40 18.62
N ASP A 84 0.52 -27.70 18.87
CA ASP A 84 1.01 -28.65 17.87
C ASP A 84 -0.14 -29.21 17.03
N ASN A 94 4.80 -22.69 10.23
CA ASN A 94 4.60 -21.65 9.24
C ASN A 94 5.24 -20.31 9.63
N THR A 95 5.22 -19.40 8.66
CA THR A 95 5.74 -18.02 8.79
C THR A 95 4.58 -17.03 8.80
N PHE A 96 3.37 -17.56 8.98
CA PHE A 96 2.19 -16.78 8.88
C PHE A 96 2.05 -15.99 10.16
N VAL A 97 1.69 -14.72 10.01
CA VAL A 97 1.45 -13.80 11.10
C VAL A 97 0.14 -13.07 10.85
N PRO A 98 -0.82 -13.23 11.77
CA PRO A 98 -2.12 -12.61 11.62
C PRO A 98 -2.09 -11.13 11.88
N GLY A 99 -3.02 -10.41 11.28
CA GLY A 99 -3.24 -9.02 11.63
C GLY A 99 -2.08 -8.07 11.38
N ARG A 100 -1.31 -8.29 10.33
CA ARG A 100 -0.17 -7.40 10.13
C ARG A 100 -0.59 -5.95 9.75
N ASN A 101 -1.73 -5.83 9.07
CA ASN A 101 -2.24 -4.54 8.68
C ASN A 101 -2.95 -3.79 9.83
N ILE A 102 -3.32 -4.49 10.91
CA ILE A 102 -3.77 -3.84 12.12
C ILE A 102 -2.61 -3.03 12.67
N LEU A 103 -1.48 -3.69 12.76
CA LEU A 103 -0.22 -3.04 13.08
C LEU A 103 0.13 -1.86 12.17
N PHE A 104 0.11 -2.07 10.87
CA PHE A 104 0.51 -1.04 9.97
C PHE A 104 -0.38 0.17 10.15
N LEU A 105 -1.70 -0.02 10.22
CA LEU A 105 -2.63 1.11 10.31
C LEU A 105 -2.49 1.90 11.64
N THR A 106 -2.21 1.17 12.71
CA THR A 106 -1.93 1.73 14.03
C THR A 106 -0.68 2.57 14.00
N LEU A 107 0.40 2.04 13.42
CA LEU A 107 1.69 2.81 13.39
C LEU A 107 1.61 4.05 12.46
N ALA A 108 0.97 3.90 11.30
CA ALA A 108 0.67 5.06 10.41
C ALA A 108 -0.16 6.15 11.06
N SER A 109 -1.13 5.76 11.90
CA SER A 109 -1.97 6.71 12.63
C SER A 109 -1.18 7.49 13.68
N ILE A 110 -0.36 6.76 14.43
CA ILE A 110 0.55 7.37 15.41
C ILE A 110 1.46 8.35 14.69
N TYR A 111 2.06 7.91 13.58
CA TYR A 111 2.88 8.80 12.72
C TYR A 111 2.06 10.00 12.20
N ALA A 112 0.89 9.74 11.62
CA ALA A 112 -0.02 10.84 11.16
C ALA A 112 -0.37 11.90 12.22
N TYR A 113 -0.71 11.42 13.43
CA TYR A 113 -0.87 12.29 14.60
C TYR A 113 0.33 13.20 14.82
N GLN A 114 1.52 12.62 14.79
CA GLN A 114 2.74 13.36 15.12
C GLN A 114 3.13 14.39 14.06
N VAL A 115 2.75 14.15 12.81
CA VAL A 115 3.09 15.10 11.72
C VAL A 115 1.89 15.91 11.27
N GLY A 116 0.76 15.78 11.98
CA GLY A 116 -0.43 16.59 11.71
C GLY A 116 -1.14 16.17 10.44
N ALA A 117 -1.25 14.87 10.20
CA ALA A 117 -1.92 14.41 8.99
C ALA A 117 -3.35 14.06 9.34
N GLU A 118 -4.29 14.52 8.50
CA GLU A 118 -5.72 14.21 8.68
C GLU A 118 -6.16 12.84 8.07
N ALA A 119 -5.29 12.23 7.28
CA ALA A 119 -5.62 10.98 6.60
C ALA A 119 -4.43 10.07 6.48
N VAL A 120 -4.68 8.78 6.71
CA VAL A 120 -3.79 7.72 6.36
C VAL A 120 -4.34 7.01 5.11
N ILE A 121 -3.51 6.87 4.08
CA ILE A 121 -3.96 6.27 2.84
C ILE A 121 -3.30 4.93 2.63
N THR A 122 -4.11 3.91 2.35
CA THR A 122 -3.59 2.58 2.18
C THR A 122 -4.17 1.90 0.94
N GLY A 123 -3.34 1.11 0.28
CA GLY A 123 -3.69 0.44 -0.97
C GLY A 123 -4.33 -0.91 -0.83
N VAL A 124 -4.71 -1.30 0.39
CA VAL A 124 -5.45 -2.56 0.58
C VAL A 124 -6.79 -2.64 -0.18
N CYS A 125 -7.23 -3.88 -0.44
CA CYS A 125 -8.46 -4.18 -1.19
C CYS A 125 -9.06 -5.55 -0.89
N GLU A 126 -10.32 -5.69 -1.26
CA GLU A 126 -11.04 -6.95 -1.12
C GLU A 126 -11.14 -7.67 -2.46
N THR A 127 -10.47 -7.22 -3.49
CA THR A 127 -10.71 -7.83 -4.79
C THR A 127 -9.66 -8.85 -5.25
N ASP A 128 -8.68 -9.17 -4.39
CA ASP A 128 -7.72 -10.19 -4.74
C ASP A 128 -8.16 -11.65 -4.46
N PHE A 129 -7.50 -12.58 -5.15
CA PHE A 129 -7.72 -14.00 -4.97
C PHE A 129 -7.76 -14.40 -3.50
N SER A 130 -6.82 -13.82 -2.75
CA SER A 130 -6.72 -14.04 -1.32
C SER A 130 -7.34 -12.84 -0.69
N GLY A 131 -8.28 -13.07 0.26
CA GLY A 131 -8.97 -12.02 0.99
C GLY A 131 -8.66 -11.97 2.47
N TYR A 132 -7.75 -11.08 2.81
CA TYR A 132 -7.18 -10.94 4.13
C TYR A 132 -8.17 -10.16 4.94
N PRO A 133 -8.48 -10.65 6.13
CA PRO A 133 -9.55 -10.00 6.86
C PRO A 133 -9.12 -8.66 7.48
N ASP A 134 -7.82 -8.47 7.69
CA ASP A 134 -7.29 -7.14 8.08
C ASP A 134 -7.18 -6.16 6.89
N CYS A 135 -7.76 -6.53 5.75
CA CYS A 135 -7.82 -5.67 4.55
C CYS A 135 -9.23 -5.45 4.06
N ARG A 136 -10.21 -5.87 4.84
CA ARG A 136 -11.61 -5.71 4.46
C ARG A 136 -12.11 -4.30 4.78
N ASP A 137 -12.98 -3.74 3.93
CA ASP A 137 -13.60 -2.43 4.17
C ASP A 137 -14.21 -2.34 5.56
N GLU A 138 -14.99 -3.36 5.92
CA GLU A 138 -15.62 -3.39 7.24
C GLU A 138 -14.61 -3.32 8.38
N PHE A 139 -13.55 -4.12 8.29
CA PHE A 139 -12.43 -4.02 9.23
C PHE A 139 -11.78 -2.61 9.34
N VAL A 140 -11.48 -2.01 8.21
CA VAL A 140 -10.76 -0.72 8.22
C VAL A 140 -11.58 0.38 8.89
N LYS A 141 -12.87 0.41 8.57
CA LYS A 141 -13.82 1.30 9.26
C LYS A 141 -13.91 1.03 10.76
N ALA A 142 -14.04 -0.25 11.14
CA ALA A 142 -14.05 -0.61 12.55
C ALA A 142 -12.78 -0.14 13.29
N LEU A 143 -11.62 -0.44 12.72
CA LEU A 143 -10.36 0.03 13.28
C LEU A 143 -10.28 1.55 13.30
N ASN A 144 -10.70 2.22 12.24
CA ASN A 144 -10.63 3.70 12.20
C ASN A 144 -11.34 4.24 13.43
N GLN A 145 -12.52 3.71 13.67
CA GLN A 145 -13.32 4.15 14.79
C GLN A 145 -12.67 3.98 16.13
N ALA A 146 -11.98 2.86 16.33
CA ALA A 146 -11.20 2.58 17.55
C ALA A 146 -9.99 3.49 17.71
N ILE A 147 -9.26 3.68 16.60
CA ILE A 147 -8.03 4.47 16.68
C ILE A 147 -8.36 5.93 16.97
N VAL A 148 -9.41 6.45 16.34
CA VAL A 148 -9.86 7.81 16.63
C VAL A 148 -10.06 8.04 18.13
N LEU A 149 -10.70 7.09 18.79
CA LEU A 149 -10.81 7.11 20.23
C LEU A 149 -9.46 6.99 20.97
N GLY A 150 -8.58 6.12 20.51
CA GLY A 150 -7.36 5.89 21.29
C GLY A 150 -6.31 6.95 21.15
N ILE A 151 -6.28 7.59 20.00
CA ILE A 151 -5.32 8.67 19.78
C ILE A 151 -5.91 10.05 20.04
N ALA A 152 -7.21 10.13 20.31
CA ALA A 152 -7.93 11.41 20.56
C ALA A 152 -7.75 12.42 19.39
N ARG A 153 -7.99 11.94 18.18
CA ARG A 153 -7.99 12.79 17.01
C ARG A 153 -8.63 12.08 15.84
N ASP A 154 -9.35 12.85 15.01
CA ASP A 154 -10.13 12.32 13.88
C ASP A 154 -9.23 12.27 12.70
N ILE A 155 -8.64 11.13 12.48
CA ILE A 155 -7.88 10.83 11.31
C ILE A 155 -8.75 9.90 10.50
N ARG A 156 -8.80 10.11 9.18
CA ARG A 156 -9.52 9.22 8.26
C ARG A 156 -8.58 8.17 7.73
N PHE A 157 -9.12 6.98 7.46
CA PHE A 157 -8.46 5.93 6.73
C PHE A 157 -9.08 5.92 5.36
N GLU A 158 -8.28 6.07 4.32
CA GLU A 158 -8.75 6.04 2.93
C GLU A 158 -8.16 4.86 2.18
N THR A 159 -9.00 4.21 1.41
CA THR A 159 -8.65 3.01 0.73
C THR A 159 -9.12 3.17 -0.69
N PRO A 160 -8.39 3.98 -1.47
CA PRO A 160 -8.75 4.28 -2.89
C PRO A 160 -8.83 3.05 -3.79
N LEU A 161 -8.07 2.01 -3.45
CA LEU A 161 -8.06 0.78 -4.23
C LEU A 161 -8.97 -0.35 -3.70
N MSE A 162 -9.81 -0.05 -2.70
CA MSE A 162 -10.60 -1.08 -2.03
C MSE A 162 -11.39 -1.99 -3.01
O MSE A 162 -11.34 -3.21 -2.91
CB MSE A 162 -11.52 -0.42 -1.00
CG MSE A 162 -12.33 -1.41 -0.17
SE MSE A 162 -11.28 -2.72 0.84
CE MSE A 162 -10.55 -1.54 2.21
N TRP A 163 -12.06 -1.36 -3.98
CA TRP A 163 -12.98 -2.05 -4.85
C TRP A 163 -12.47 -2.16 -6.29
N LEU A 164 -11.15 -1.99 -6.48
CA LEU A 164 -10.56 -1.97 -7.81
C LEU A 164 -9.83 -3.27 -8.15
N ASN A 165 -9.89 -3.68 -9.40
CA ASN A 165 -9.02 -4.74 -9.89
C ASN A 165 -7.75 -4.10 -10.45
N LYS A 166 -6.80 -4.92 -10.85
CA LYS A 166 -5.51 -4.38 -11.28
C LYS A 166 -5.62 -3.52 -12.52
N ALA A 167 -6.55 -3.89 -13.42
CA ALA A 167 -6.74 -3.13 -14.66
C ALA A 167 -7.22 -1.70 -14.38
N GLU A 168 -8.15 -1.58 -13.44
CA GLU A 168 -8.65 -0.30 -12.98
C GLU A 168 -7.59 0.55 -12.23
N THR A 169 -6.66 -0.11 -11.55
CA THR A 169 -5.58 0.54 -10.83
C THR A 169 -4.64 1.15 -11.85
N TRP A 170 -4.41 0.43 -12.94
CA TRP A 170 -3.64 0.98 -14.06
C TRP A 170 -4.35 2.16 -14.68
N ALA A 171 -5.69 2.09 -14.77
CA ALA A 171 -6.47 3.19 -15.33
C ALA A 171 -6.31 4.44 -14.50
N LEU A 172 -6.36 4.28 -13.18
CA LEU A 172 -6.22 5.37 -12.22
C LEU A 172 -4.88 6.08 -12.37
N ALA A 173 -3.79 5.33 -12.47
CA ALA A 173 -2.47 5.92 -12.77
C ALA A 173 -2.56 6.75 -14.04
N ASP A 174 -3.12 6.14 -15.09
CA ASP A 174 -3.35 6.81 -16.38
C ASP A 174 -4.23 8.10 -16.31
N TYR A 175 -5.28 8.05 -15.48
CA TYR A 175 -6.12 9.22 -15.21
C TYR A 175 -5.30 10.41 -14.72
N TYR A 176 -4.33 10.18 -13.85
CA TYR A 176 -3.42 11.25 -13.39
C TYR A 176 -2.22 11.46 -14.29
N GLN A 177 -2.28 10.88 -15.49
CA GLN A 177 -1.29 11.03 -16.57
C GLN A 177 0.08 10.47 -16.20
N GLN A 178 0.10 9.38 -15.44
CA GLN A 178 1.38 8.87 -14.98
C GLN A 178 1.57 7.37 -15.07
N LEU A 179 0.89 6.76 -16.05
CA LEU A 179 0.96 5.34 -16.25
C LEU A 179 2.43 4.88 -16.45
N ASP A 180 3.17 5.58 -17.30
CA ASP A 180 4.56 5.28 -17.55
C ASP A 180 5.48 5.38 -16.34
N THR A 181 5.24 6.31 -15.43
CA THR A 181 5.97 6.36 -14.16
C THR A 181 5.82 5.08 -13.33
N VAL A 182 4.58 4.63 -13.17
CA VAL A 182 4.26 3.39 -12.51
C VAL A 182 4.89 2.22 -13.29
N ARG A 183 4.71 2.24 -14.60
CA ARG A 183 5.17 1.15 -15.40
C ARG A 183 6.69 0.88 -15.39
N TYR A 184 7.50 1.93 -15.42
CA TYR A 184 8.93 1.77 -15.50
C TYR A 184 9.62 1.76 -14.15
N HIS A 185 9.06 2.51 -13.17
CA HIS A 185 9.79 2.97 -12.00
C HIS A 185 9.31 2.42 -10.67
N THR A 186 8.34 1.52 -10.71
CA THR A 186 7.95 0.88 -9.49
C THR A 186 8.49 -0.56 -9.46
N LEU A 187 8.40 -1.17 -8.29
CA LEU A 187 8.90 -2.53 -8.06
C LEU A 187 7.78 -3.39 -7.50
N THR A 188 7.27 -4.28 -8.32
CA THR A 188 6.22 -5.23 -7.90
C THR A 188 6.82 -6.63 -7.83
N CYS A 189 7.77 -6.91 -8.72
CA CYS A 189 8.30 -8.22 -8.92
C CYS A 189 8.91 -8.82 -7.65
N TYR A 190 8.70 -10.12 -7.44
CA TYR A 190 9.18 -10.70 -6.23
C TYR A 190 10.69 -10.86 -6.34
N ASN A 191 11.18 -10.94 -7.56
CA ASN A 191 12.57 -11.12 -7.83
C ASN A 191 13.42 -9.82 -8.00
N GLY A 192 12.88 -8.65 -7.66
CA GLY A 192 13.62 -7.41 -7.60
C GLY A 192 13.80 -6.65 -8.93
N ILE A 193 12.99 -7.00 -9.92
CA ILE A 193 13.11 -6.47 -11.26
C ILE A 193 12.03 -5.40 -11.36
N LYS A 194 12.48 -4.18 -11.67
CA LYS A 194 11.60 -3.02 -11.67
C LYS A 194 10.66 -3.11 -12.86
N GLY A 195 9.55 -2.40 -12.81
CA GLY A 195 8.71 -2.31 -13.97
C GLY A 195 8.00 -3.61 -14.20
N ASP A 196 8.10 -4.11 -15.43
CA ASP A 196 7.47 -5.33 -15.90
C ASP A 196 8.13 -6.59 -15.31
N GLY A 197 9.29 -6.47 -14.68
CA GLY A 197 9.77 -7.50 -13.81
C GLY A 197 10.24 -8.71 -14.54
N CYS A 198 10.38 -9.81 -13.82
CA CYS A 198 10.79 -11.07 -14.41
C CYS A 198 9.74 -11.66 -15.34
N GLY A 199 8.49 -11.24 -15.22
CA GLY A 199 7.43 -11.85 -15.98
C GLY A 199 7.08 -13.25 -15.51
N GLN A 200 7.82 -13.80 -14.55
CA GLN A 200 7.63 -15.19 -14.13
C GLN A 200 7.21 -15.38 -12.69
N CYS A 201 6.80 -14.36 -11.96
CA CYS A 201 6.34 -14.58 -10.61
C CYS A 201 4.88 -14.15 -10.51
N ALA A 202 4.26 -14.56 -9.40
CA ALA A 202 2.84 -14.33 -9.17
C ALA A 202 2.49 -12.88 -9.33
N ALA A 203 3.28 -12.05 -8.68
CA ALA A 203 3.01 -10.61 -8.65
C ALA A 203 3.18 -9.95 -10.04
N CYS A 204 4.16 -10.41 -10.82
CA CYS A 204 4.35 -9.99 -12.22
C CYS A 204 3.15 -10.38 -13.07
N HIS A 205 2.63 -11.58 -12.85
CA HIS A 205 1.47 -12.06 -13.62
C HIS A 205 0.27 -11.20 -13.37
N LEU A 206 -0.04 -10.99 -12.09
CA LEU A 206 -1.20 -10.19 -11.71
C LEU A 206 -1.18 -8.81 -12.38
N ARG A 207 -0.05 -8.13 -12.19
CA ARG A 207 0.20 -6.80 -12.70
C ARG A 207 0.13 -6.71 -14.25
N ALA A 208 0.65 -7.73 -14.91
CA ALA A 208 0.75 -7.76 -16.38
C ALA A 208 -0.58 -8.12 -16.99
N ASN A 209 -1.35 -8.96 -16.31
CA ASN A 209 -2.73 -9.25 -16.74
C ASN A 209 -3.55 -7.96 -16.72
N GLY A 210 -3.41 -7.24 -15.62
CA GLY A 210 -4.07 -5.99 -15.39
C GLY A 210 -3.78 -5.04 -16.49
N LEU A 211 -2.48 -4.83 -16.77
CA LEU A 211 -2.04 -3.90 -17.79
C LEU A 211 -2.57 -4.27 -19.15
N ALA A 212 -2.54 -5.56 -19.46
CA ALA A 212 -3.05 -6.02 -20.75
C ALA A 212 -4.59 -5.88 -20.90
N GLN A 213 -5.38 -6.10 -19.83
CA GLN A 213 -6.83 -5.84 -19.94
C GLN A 213 -7.03 -4.36 -20.17
N TYR A 214 -6.31 -3.54 -19.45
CA TYR A 214 -6.46 -2.11 -19.59
C TYR A 214 -6.12 -1.61 -21.02
N GLN A 215 -5.18 -2.25 -21.69
CA GLN A 215 -4.75 -1.77 -23.00
C GLN A 215 -5.73 -2.22 -24.08
N LYS A 216 -6.22 -3.45 -23.93
CA LYS A 216 -7.22 -4.02 -24.83
C LYS A 216 -8.51 -3.20 -24.76
N ASP A 217 -9.01 -2.96 -23.55
CA ASP A 217 -10.36 -2.40 -23.36
C ASP A 217 -10.36 -1.15 -22.48
N ALA A 218 -9.68 -0.11 -22.96
CA ALA A 218 -9.32 1.03 -22.08
C ALA A 218 -10.50 1.84 -21.61
N ALA A 219 -11.34 2.22 -22.55
CA ALA A 219 -12.52 3.05 -22.30
C ALA A 219 -13.49 2.37 -21.36
N THR A 220 -13.64 1.05 -21.53
CA THR A 220 -14.55 0.25 -20.72
C THR A 220 -14.06 0.19 -19.29
N VAL A 221 -12.74 0.02 -19.12
CA VAL A 221 -12.10 -0.15 -17.80
C VAL A 221 -12.07 1.18 -17.04
N MSE A 222 -11.77 2.23 -17.80
CA MSE A 222 -11.84 3.60 -17.33
C MSE A 222 -13.26 3.94 -16.91
O MSE A 222 -13.49 4.57 -15.89
CB MSE A 222 -11.38 4.55 -18.45
CG MSE A 222 -11.30 6.02 -18.03
SE MSE A 222 -9.96 6.38 -16.61
CE MSE A 222 -8.23 6.25 -17.69
N ALA A 223 -14.23 3.52 -17.72
CA ALA A 223 -15.63 3.75 -17.36
C ALA A 223 -15.91 3.04 -16.04
N SER A 224 -15.53 1.78 -15.95
CA SER A 224 -15.69 1.01 -14.70
C SER A 224 -15.03 1.72 -13.51
N LEU A 225 -13.80 2.20 -13.72
CA LEU A 225 -13.05 2.92 -12.67
C LEU A 225 -13.82 4.14 -12.19
N LYS A 226 -14.16 5.05 -13.12
CA LYS A 226 -14.87 6.29 -12.79
C LYS A 226 -16.14 5.97 -11.99
N GLN A 227 -16.89 5.00 -12.47
CA GLN A 227 -18.12 4.59 -11.82
C GLN A 227 -17.92 4.20 -10.35
N LYS A 228 -16.82 3.55 -10.01
CA LYS A 228 -16.61 3.06 -8.64
C LYS A 228 -16.07 4.10 -7.65
N VAL A 229 -15.29 5.06 -8.13
CA VAL A 229 -14.48 5.92 -7.23
C VAL A 229 -14.92 7.41 -7.22
N GLY A 230 -15.85 7.79 -8.09
CA GLY A 230 -16.22 9.19 -8.25
C GLY A 230 -15.63 9.66 -9.57
N LEU A 231 -14.86 10.73 -9.55
CA LEU A 231 -14.19 11.23 -10.77
C LEU A 231 -15.14 11.37 -11.98
ZN ZN B . 8.57 -11.22 -11.26
#